data_2D1N
#
_entry.id   2D1N
#
_cell.length_a   96.470
_cell.length_b   96.470
_cell.length_c   67.520
_cell.angle_alpha   90.00
_cell.angle_beta   90.00
_cell.angle_gamma   120.00
#
_symmetry.space_group_name_H-M   'P 32'
#
loop_
_entity.id
_entity.type
_entity.pdbx_description
1 polymer 'Collagenase 3'
2 non-polymer 'ZINC ION'
3 non-polymer 'CALCIUM ION'
4 non-polymer SM-25453
5 water water
#
_entity_poly.entity_id   1
_entity_poly.type   'polypeptide(L)'
_entity_poly.pdbx_seq_one_letter_code
;YNVFPRTLKWSKMNLTYRIVNYTPDMTHSEVEKAFKKAFKVWSDVTPLNFTRLHDGIADIMISFGIKEHGDFYPFDGPSG
LLAHAFPPGPNYGGDAHFDDDETWTSSSKGYNLFLVAAHEFGHSLGLDHSKDPGALMFPIYTYTGKSHFMLPDDDVQGIQ
SLYGPG
;
_entity_poly.pdbx_strand_id   A,B
#
loop_
_chem_comp.id
_chem_comp.type
_chem_comp.name
_chem_comp.formula
CA non-polymer 'CALCIUM ION' 'Ca 2'
FA4 non-polymer SM-25453 'C24 H42 N6 O3'
ZN non-polymer 'ZINC ION' 'Zn 2'
#
# COMPACT_ATOMS: atom_id res chain seq x y z
N TYR A 1 -8.96 -29.14 19.44
CA TYR A 1 -7.94 -28.16 18.96
C TYR A 1 -6.51 -28.70 19.07
N ASN A 2 -5.58 -28.02 18.42
CA ASN A 2 -4.18 -28.41 18.46
C ASN A 2 -3.23 -27.22 18.60
N VAL A 3 -2.23 -27.40 19.43
CA VAL A 3 -1.24 -26.37 19.70
C VAL A 3 0.05 -26.81 18.98
N PHE A 4 0.93 -25.86 18.69
CA PHE A 4 2.17 -26.19 18.02
C PHE A 4 3.11 -26.86 19.00
N PRO A 5 4.10 -27.61 18.49
CA PRO A 5 5.05 -28.29 19.37
C PRO A 5 5.75 -27.26 20.25
N ARG A 6 6.01 -27.61 21.51
CA ARG A 6 6.67 -26.69 22.44
C ARG A 6 5.69 -25.60 22.87
N THR A 7 4.42 -25.79 22.53
CA THR A 7 3.35 -24.83 22.85
C THR A 7 3.75 -23.37 22.60
N LEU A 8 4.23 -23.09 21.38
CA LEU A 8 4.64 -21.74 20.98
C LEU A 8 3.54 -20.73 21.25
N LYS A 9 3.90 -19.62 21.87
CA LYS A 9 2.92 -18.58 22.19
C LYS A 9 3.64 -17.27 22.40
N TRP A 10 2.87 -16.19 22.47
CA TRP A 10 3.45 -14.87 22.69
C TRP A 10 3.61 -14.65 24.18
N SER A 11 4.61 -13.87 24.56
CA SER A 11 4.84 -13.59 25.96
C SER A 11 4.35 -12.19 26.32
N LYS A 12 3.25 -11.78 25.72
CA LYS A 12 2.68 -10.46 25.98
C LYS A 12 1.27 -10.41 25.41
N MET A 13 0.36 -9.73 26.09
CA MET A 13 -1.01 -9.67 25.60
C MET A 13 -1.24 -8.59 24.55
N ASN A 14 -0.37 -7.59 24.49
CA ASN A 14 -0.54 -6.53 23.52
C ASN A 14 0.35 -6.72 22.29
N LEU A 15 -0.27 -7.14 21.20
CA LEU A 15 0.46 -7.39 19.94
C LEU A 15 0.18 -6.31 18.90
N THR A 16 1.10 -6.14 17.96
CA THR A 16 0.86 -5.15 16.92
C THR A 16 0.93 -5.82 15.57
N TYR A 17 0.32 -5.18 14.58
CA TYR A 17 0.33 -5.73 13.24
C TYR A 17 0.42 -4.59 12.25
N ARG A 18 0.87 -4.94 11.05
CA ARG A 18 1.00 -3.96 9.96
C ARG A 18 0.67 -4.59 8.63
N ILE A 19 -0.09 -3.88 7.80
CA ILE A 19 -0.45 -4.35 6.47
C ILE A 19 0.63 -3.81 5.55
N VAL A 20 1.48 -4.70 5.04
CA VAL A 20 2.58 -4.29 4.17
C VAL A 20 2.16 -3.89 2.77
N ASN A 21 1.20 -4.62 2.20
CA ASN A 21 0.71 -4.33 0.86
C ASN A 21 -0.73 -4.79 0.78
N TYR A 22 -1.41 -4.44 -0.30
CA TYR A 22 -2.81 -4.79 -0.47
C TYR A 22 -3.08 -5.49 -1.79
N THR A 23 -4.19 -6.22 -1.85
CA THR A 23 -4.58 -6.91 -3.07
C THR A 23 -5.44 -5.99 -3.93
N PRO A 24 -5.31 -6.09 -5.26
CA PRO A 24 -6.12 -5.22 -6.12
C PRO A 24 -7.57 -5.70 -6.20
N ASP A 25 -7.82 -6.92 -5.71
CA ASP A 25 -9.16 -7.51 -5.74
C ASP A 25 -10.20 -6.74 -4.94
N MET A 26 -9.78 -6.04 -3.91
CA MET A 26 -10.76 -5.29 -3.16
C MET A 26 -10.26 -3.93 -2.73
N THR A 27 -11.17 -3.14 -2.22
CA THR A 27 -10.85 -1.79 -1.79
C THR A 27 -9.91 -1.88 -0.59
N HIS A 28 -9.11 -0.84 -0.39
CA HIS A 28 -8.17 -0.81 0.71
C HIS A 28 -8.91 -0.81 2.06
N SER A 29 -10.03 -0.10 2.13
CA SER A 29 -10.83 -0.08 3.34
C SER A 29 -11.34 -1.50 3.62
N GLU A 30 -11.85 -2.17 2.59
CA GLU A 30 -12.35 -3.54 2.77
C GLU A 30 -11.26 -4.39 3.38
N VAL A 31 -10.07 -4.38 2.78
CA VAL A 31 -8.93 -5.15 3.27
C VAL A 31 -8.68 -4.81 4.74
N GLU A 32 -8.52 -3.52 5.03
CA GLU A 32 -8.26 -3.07 6.39
C GLU A 32 -9.33 -3.56 7.36
N LYS A 33 -10.58 -3.47 6.94
CA LYS A 33 -11.71 -3.88 7.74
C LYS A 33 -11.70 -5.40 7.97
N ALA A 34 -11.42 -6.15 6.91
CA ALA A 34 -11.39 -7.60 7.02
C ALA A 34 -10.38 -8.04 8.09
N PHE A 35 -9.17 -7.48 8.04
CA PHE A 35 -8.16 -7.85 9.00
C PHE A 35 -8.50 -7.44 10.43
N LYS A 36 -9.12 -6.27 10.58
CA LYS A 36 -9.52 -5.79 11.90
C LYS A 36 -10.53 -6.78 12.50
N LYS A 37 -11.52 -7.18 11.71
CA LYS A 37 -12.52 -8.15 12.20
C LYS A 37 -11.87 -9.48 12.49
N ALA A 38 -10.96 -9.92 11.62
CA ALA A 38 -10.29 -11.19 11.82
C ALA A 38 -9.62 -11.26 13.19
N PHE A 39 -8.93 -10.19 13.59
CA PHE A 39 -8.26 -10.15 14.89
C PHE A 39 -9.25 -10.16 16.06
N LYS A 40 -10.33 -9.40 15.92
CA LYS A 40 -11.35 -9.27 16.94
C LYS A 40 -11.99 -10.59 17.37
N VAL A 41 -12.16 -11.53 16.44
CA VAL A 41 -12.76 -12.81 16.81
C VAL A 41 -11.86 -13.49 17.83
N TRP A 42 -10.58 -13.15 17.83
CA TRP A 42 -9.66 -13.77 18.78
C TRP A 42 -9.57 -12.96 20.08
N SER A 43 -9.48 -11.65 19.94
CA SER A 43 -9.38 -10.80 21.10
C SER A 43 -10.68 -10.78 21.91
N ASP A 44 -11.80 -11.13 21.28
CA ASP A 44 -13.08 -11.13 21.98
C ASP A 44 -13.20 -12.17 23.08
N VAL A 45 -12.42 -13.24 23.01
CA VAL A 45 -12.51 -14.27 24.02
C VAL A 45 -11.20 -14.47 24.78
N THR A 46 -10.35 -13.46 24.75
CA THR A 46 -9.07 -13.53 25.46
C THR A 46 -8.61 -12.14 25.84
N PRO A 47 -7.53 -12.04 26.62
CA PRO A 47 -7.00 -10.76 27.06
C PRO A 47 -6.14 -10.12 25.97
N LEU A 48 -6.00 -10.81 24.84
CA LEU A 48 -5.21 -10.32 23.71
C LEU A 48 -5.72 -9.01 23.12
N ASN A 49 -4.81 -8.08 22.86
CA ASN A 49 -5.14 -6.79 22.26
C ASN A 49 -4.29 -6.60 21.02
N PHE A 50 -4.90 -6.06 19.97
CA PHE A 50 -4.21 -5.84 18.71
C PHE A 50 -4.27 -4.37 18.29
N THR A 51 -3.13 -3.86 17.82
CA THR A 51 -3.06 -2.47 17.37
C THR A 51 -2.27 -2.41 16.05
N ARG A 52 -2.82 -1.69 15.08
CA ARG A 52 -2.22 -1.54 13.75
C ARG A 52 -1.13 -0.48 13.68
N LEU A 53 0.01 -0.81 13.06
CA LEU A 53 1.06 0.18 12.92
C LEU A 53 1.13 0.69 11.48
N HIS A 54 1.49 1.96 11.33
CA HIS A 54 1.59 2.60 10.03
C HIS A 54 2.96 2.38 9.41
N ASP A 55 3.97 2.19 10.25
CA ASP A 55 5.33 2.00 9.79
C ASP A 55 6.12 1.15 10.78
N GLY A 56 7.30 0.70 10.36
CA GLY A 56 8.14 -0.09 11.24
C GLY A 56 7.83 -1.58 11.29
N ILE A 57 8.50 -2.28 12.19
CA ILE A 57 8.29 -3.71 12.31
C ILE A 57 7.32 -4.06 13.43
N ALA A 58 6.17 -4.63 13.05
CA ALA A 58 5.14 -5.02 13.99
C ALA A 58 5.31 -6.49 14.36
N ASP A 59 4.59 -6.95 15.38
CA ASP A 59 4.71 -8.36 15.75
C ASP A 59 4.24 -9.22 14.60
N ILE A 60 3.12 -8.84 14.01
CA ILE A 60 2.53 -9.57 12.90
C ILE A 60 2.50 -8.74 11.62
N MET A 61 3.38 -9.06 10.68
CA MET A 61 3.43 -8.34 9.39
C MET A 61 2.56 -9.07 8.39
N ILE A 62 1.56 -8.36 7.83
CA ILE A 62 0.63 -8.94 6.85
C ILE A 62 0.96 -8.56 5.40
N SER A 63 0.86 -9.50 4.48
CA SER A 63 1.16 -9.21 3.07
C SER A 63 0.61 -10.21 2.07
N PHE A 64 0.51 -9.76 0.83
CA PHE A 64 0.02 -10.58 -0.28
C PHE A 64 1.20 -10.84 -1.21
N GLY A 65 1.21 -11.99 -1.85
CA GLY A 65 2.28 -12.32 -2.77
C GLY A 65 1.87 -13.43 -3.72
N ILE A 66 2.69 -13.69 -4.74
CA ILE A 66 2.37 -14.76 -5.68
C ILE A 66 3.63 -15.60 -5.84
N LYS A 67 3.45 -16.91 -5.97
CA LYS A 67 4.58 -17.82 -6.12
C LYS A 67 5.64 -17.56 -5.04
N GLU A 68 6.86 -17.31 -5.50
CA GLU A 68 7.96 -17.06 -4.60
C GLU A 68 7.84 -15.61 -4.15
N HIS A 69 7.64 -15.42 -2.85
CA HIS A 69 7.49 -14.07 -2.32
C HIS A 69 8.55 -13.65 -1.31
N GLY A 70 9.55 -14.49 -1.04
CA GLY A 70 10.57 -14.11 -0.09
C GLY A 70 10.94 -15.10 1.00
N ASP A 71 10.09 -16.11 1.22
CA ASP A 71 10.38 -17.16 2.21
C ASP A 71 10.56 -18.50 1.51
N PHE A 72 10.64 -19.58 2.28
CA PHE A 72 10.83 -20.91 1.71
C PHE A 72 9.50 -21.61 1.47
N TYR A 73 8.41 -20.86 1.51
CA TYR A 73 7.09 -21.46 1.31
C TYR A 73 6.33 -20.76 0.19
N PRO A 74 6.81 -20.87 -1.05
CA PRO A 74 6.16 -20.22 -2.21
C PRO A 74 4.75 -20.70 -2.49
N PHE A 75 3.95 -19.84 -3.12
CA PHE A 75 2.57 -20.19 -3.44
C PHE A 75 2.52 -20.96 -4.75
N ASP A 76 1.36 -21.55 -5.01
CA ASP A 76 1.14 -22.37 -6.20
C ASP A 76 0.08 -21.88 -7.16
N GLY A 77 0.06 -20.57 -7.41
CA GLY A 77 -0.94 -20.01 -8.32
C GLY A 77 -2.37 -20.21 -7.85
N PRO A 78 -3.35 -20.08 -8.76
CA PRO A 78 -4.77 -20.24 -8.45
C PRO A 78 -5.06 -21.56 -7.74
N SER A 79 -5.98 -21.52 -6.79
CA SER A 79 -6.40 -22.68 -6.01
C SER A 79 -5.28 -23.25 -5.12
N GLY A 80 -5.54 -24.43 -4.56
CA GLY A 80 -4.57 -25.08 -3.69
C GLY A 80 -4.31 -24.25 -2.43
N LEU A 81 -3.05 -23.94 -2.19
CA LEU A 81 -2.67 -23.13 -1.03
C LEU A 81 -3.33 -21.77 -1.15
N LEU A 82 -3.98 -21.30 -0.08
CA LEU A 82 -4.62 -19.99 -0.09
C LEU A 82 -3.82 -18.96 0.71
N ALA A 83 -3.20 -19.42 1.79
CA ALA A 83 -2.42 -18.54 2.65
C ALA A 83 -1.62 -19.39 3.62
N HIS A 84 -0.69 -18.76 4.32
CA HIS A 84 0.09 -19.47 5.32
C HIS A 84 0.69 -18.44 6.28
N ALA A 85 0.73 -18.79 7.56
CA ALA A 85 1.25 -17.92 8.60
C ALA A 85 2.29 -18.63 9.46
N PHE A 86 3.14 -17.86 10.13
CA PHE A 86 4.15 -18.47 10.99
C PHE A 86 3.69 -18.43 12.45
N PRO A 87 4.01 -19.48 13.23
CA PRO A 87 3.61 -19.50 14.65
C PRO A 87 4.33 -18.36 15.37
N PRO A 88 3.92 -18.06 16.61
CA PRO A 88 4.52 -16.98 17.42
C PRO A 88 6.04 -17.04 17.55
N GLY A 89 6.65 -15.86 17.58
CA GLY A 89 8.09 -15.77 17.72
C GLY A 89 8.57 -14.51 17.06
N PRO A 90 9.89 -14.25 17.06
CA PRO A 90 10.49 -13.05 16.46
C PRO A 90 10.58 -13.23 14.94
N ASN A 91 10.99 -12.18 14.23
CA ASN A 91 11.11 -12.25 12.78
C ASN A 91 9.81 -12.62 12.07
N TYR A 92 9.84 -13.74 11.36
CA TYR A 92 8.68 -14.21 10.62
C TYR A 92 7.55 -14.68 11.54
N GLY A 93 7.88 -14.88 12.81
CA GLY A 93 6.88 -15.32 13.76
C GLY A 93 5.63 -14.47 13.65
N GLY A 94 4.47 -15.11 13.54
CA GLY A 94 3.20 -14.40 13.46
C GLY A 94 2.84 -13.84 12.10
N ASP A 95 3.83 -13.75 11.21
CA ASP A 95 3.55 -13.20 9.90
C ASP A 95 2.53 -14.01 9.11
N ALA A 96 1.65 -13.31 8.41
CA ALA A 96 0.61 -13.94 7.62
C ALA A 96 0.74 -13.54 6.14
N HIS A 97 0.82 -14.55 5.29
CA HIS A 97 0.96 -14.39 3.84
C HIS A 97 -0.27 -14.87 3.05
N PHE A 98 -0.77 -14.02 2.15
CA PHE A 98 -1.96 -14.37 1.34
C PHE A 98 -1.66 -14.51 -0.15
N ASP A 99 -2.13 -15.60 -0.75
CA ASP A 99 -1.88 -15.85 -2.18
C ASP A 99 -2.71 -14.90 -3.05
N ASP A 100 -2.06 -13.88 -3.61
CA ASP A 100 -2.78 -12.95 -4.46
C ASP A 100 -3.12 -13.56 -5.84
N ASP A 101 -2.88 -14.86 -6.00
CA ASP A 101 -3.22 -15.53 -7.26
C ASP A 101 -4.67 -15.98 -7.14
N GLU A 102 -5.23 -15.85 -5.95
CA GLU A 102 -6.63 -16.19 -5.70
C GLU A 102 -7.36 -14.88 -5.83
N THR A 103 -8.67 -14.94 -5.98
CA THR A 103 -9.47 -13.72 -6.08
C THR A 103 -10.05 -13.50 -4.69
N TRP A 104 -9.59 -12.46 -4.00
CA TRP A 104 -10.09 -12.14 -2.67
C TRP A 104 -11.29 -11.21 -2.76
N THR A 105 -12.26 -11.40 -1.86
CA THR A 105 -13.45 -10.55 -1.83
C THR A 105 -13.97 -10.44 -0.41
N SER A 106 -15.04 -9.68 -0.24
CA SER A 106 -15.67 -9.51 1.06
C SER A 106 -17.09 -10.02 0.96
N SER A 107 -17.31 -10.99 0.08
CA SER A 107 -18.62 -11.59 -0.13
C SER A 107 -18.47 -13.09 -0.30
N SER A 108 -19.51 -13.74 -0.81
CA SER A 108 -19.52 -15.19 -1.02
C SER A 108 -18.79 -15.60 -2.30
N LYS A 109 -18.16 -14.62 -2.96
CA LYS A 109 -17.41 -14.88 -4.18
C LYS A 109 -15.95 -15.17 -3.90
N GLY A 110 -15.28 -15.80 -4.86
CA GLY A 110 -13.87 -16.14 -4.69
C GLY A 110 -13.57 -16.69 -3.31
N TYR A 111 -12.65 -16.03 -2.62
CA TYR A 111 -12.28 -16.46 -1.29
C TYR A 111 -12.40 -15.29 -0.35
N ASN A 112 -13.17 -15.48 0.71
CA ASN A 112 -13.41 -14.45 1.69
C ASN A 112 -12.17 -14.15 2.54
N LEU A 113 -11.61 -12.97 2.33
CA LEU A 113 -10.41 -12.53 3.03
C LEU A 113 -10.57 -12.62 4.56
N PHE A 114 -11.68 -12.08 5.07
CA PHE A 114 -11.97 -12.10 6.49
C PHE A 114 -11.87 -13.50 7.11
N LEU A 115 -12.62 -14.45 6.56
CA LEU A 115 -12.61 -15.81 7.08
C LEU A 115 -11.23 -16.45 7.01
N VAL A 116 -10.58 -16.37 5.85
CA VAL A 116 -9.27 -16.97 5.70
C VAL A 116 -8.26 -16.35 6.66
N ALA A 117 -8.32 -15.03 6.80
CA ALA A 117 -7.40 -14.32 7.66
C ALA A 117 -7.66 -14.63 9.13
N ALA A 118 -8.93 -14.85 9.49
CA ALA A 118 -9.24 -15.18 10.88
C ALA A 118 -8.56 -16.51 11.19
N HIS A 119 -8.61 -17.42 10.22
CA HIS A 119 -7.98 -18.74 10.36
C HIS A 119 -6.46 -18.57 10.46
N GLU A 120 -5.92 -17.75 9.57
CA GLU A 120 -4.50 -17.51 9.54
C GLU A 120 -3.97 -16.94 10.86
N PHE A 121 -4.65 -15.92 11.38
CA PHE A 121 -4.23 -15.27 12.62
C PHE A 121 -4.25 -16.26 13.78
N GLY A 122 -5.09 -17.29 13.65
CA GLY A 122 -5.14 -18.32 14.67
C GLY A 122 -3.78 -19.01 14.70
N HIS A 123 -3.13 -19.13 13.53
CA HIS A 123 -1.80 -19.76 13.50
C HIS A 123 -0.81 -18.78 14.09
N SER A 124 -0.93 -17.50 13.74
CA SER A 124 -0.02 -16.48 14.24
C SER A 124 -0.13 -16.39 15.76
N LEU A 125 -1.25 -16.88 16.30
CA LEU A 125 -1.46 -16.84 17.74
C LEU A 125 -0.99 -18.08 18.49
N GLY A 126 -0.67 -19.15 17.76
CA GLY A 126 -0.21 -20.35 18.42
C GLY A 126 -1.10 -21.56 18.25
N LEU A 127 -2.08 -21.48 17.35
CA LEU A 127 -2.93 -22.65 17.12
C LEU A 127 -2.58 -23.35 15.81
N ASP A 128 -2.50 -24.68 15.88
CA ASP A 128 -2.20 -25.48 14.72
C ASP A 128 -3.57 -25.88 14.18
N HIS A 129 -3.61 -26.81 13.22
CA HIS A 129 -4.87 -27.23 12.64
C HIS A 129 -5.66 -28.12 13.57
N SER A 130 -6.98 -27.96 13.52
CA SER A 130 -7.90 -28.74 14.34
C SER A 130 -8.42 -29.91 13.54
N LYS A 131 -8.81 -30.99 14.22
CA LYS A 131 -9.36 -32.15 13.54
C LYS A 131 -10.88 -32.09 13.59
N ASP A 132 -11.42 -31.04 14.21
CA ASP A 132 -12.86 -30.83 14.34
C ASP A 132 -13.40 -30.11 13.10
N PRO A 133 -14.21 -30.80 12.28
CA PRO A 133 -14.78 -30.22 11.07
C PRO A 133 -15.65 -28.98 11.35
N GLY A 134 -15.92 -28.73 12.63
CA GLY A 134 -16.73 -27.58 12.99
C GLY A 134 -15.92 -26.43 13.57
N ALA A 135 -14.59 -26.52 13.49
CA ALA A 135 -13.73 -25.46 14.02
C ALA A 135 -13.13 -24.58 12.95
N LEU A 136 -12.89 -23.32 13.31
CA LEU A 136 -12.29 -22.38 12.38
C LEU A 136 -10.89 -22.85 11.97
N MET A 137 -10.22 -23.61 12.85
CA MET A 137 -8.89 -24.11 12.54
C MET A 137 -8.84 -25.42 11.73
N PHE A 138 -9.97 -25.79 11.12
CA PHE A 138 -10.03 -26.99 10.29
C PHE A 138 -9.43 -26.63 8.93
N PRO A 139 -8.45 -27.42 8.46
CA PRO A 139 -7.73 -27.25 7.18
C PRO A 139 -8.49 -27.25 5.84
N ILE A 140 -9.75 -26.86 5.82
CA ILE A 140 -10.47 -26.80 4.55
C ILE A 140 -11.33 -25.52 4.54
N TYR A 141 -11.39 -24.86 3.39
CA TYR A 141 -12.15 -23.61 3.26
C TYR A 141 -13.66 -23.81 3.07
N THR A 142 -14.46 -22.91 3.65
CA THR A 142 -15.92 -22.92 3.50
C THR A 142 -16.41 -21.51 3.78
N TYR A 143 -17.37 -21.06 3.00
CA TYR A 143 -17.90 -19.71 3.17
C TYR A 143 -19.03 -19.66 4.19
N THR A 144 -19.20 -18.49 4.80
CA THR A 144 -20.25 -18.30 5.78
C THR A 144 -20.70 -16.86 5.72
N GLY A 145 -21.94 -16.65 5.32
CA GLY A 145 -22.46 -15.29 5.24
C GLY A 145 -23.09 -14.92 6.56
N LYS A 146 -22.82 -15.72 7.58
CA LYS A 146 -23.37 -15.50 8.91
C LYS A 146 -23.03 -14.14 9.50
N SER A 147 -24.06 -13.44 9.95
CA SER A 147 -23.90 -12.13 10.56
C SER A 147 -23.21 -12.31 11.92
N HIS A 148 -22.29 -11.41 12.24
CA HIS A 148 -21.55 -11.47 13.49
C HIS A 148 -20.96 -12.87 13.75
N PHE A 149 -20.00 -13.26 12.91
CA PHE A 149 -19.32 -14.55 13.02
C PHE A 149 -18.64 -14.67 14.37
N MET A 150 -18.99 -15.73 15.10
CA MET A 150 -18.43 -16.02 16.41
C MET A 150 -17.41 -17.14 16.27
N LEU A 151 -16.45 -17.22 17.20
CA LEU A 151 -15.44 -18.27 17.15
C LEU A 151 -16.03 -19.59 17.65
N PRO A 152 -15.90 -20.66 16.86
CA PRO A 152 -16.43 -21.97 17.26
C PRO A 152 -15.90 -22.40 18.64
N ASP A 153 -16.62 -23.32 19.29
CA ASP A 153 -16.25 -23.80 20.62
C ASP A 153 -14.81 -24.31 20.71
N ASP A 154 -14.46 -25.19 19.78
CA ASP A 154 -13.13 -25.79 19.77
C ASP A 154 -12.01 -24.75 19.72
N ASP A 155 -12.17 -23.75 18.86
CA ASP A 155 -11.18 -22.71 18.71
C ASP A 155 -11.08 -21.86 19.98
N VAL A 156 -12.22 -21.61 20.63
CA VAL A 156 -12.23 -20.82 21.86
C VAL A 156 -11.38 -21.53 22.92
N GLN A 157 -11.68 -22.79 23.16
CA GLN A 157 -10.94 -23.57 24.15
C GLN A 157 -9.45 -23.62 23.84
N GLY A 158 -9.11 -23.75 22.56
CA GLY A 158 -7.72 -23.81 22.18
C GLY A 158 -6.98 -22.51 22.39
N ILE A 159 -7.65 -21.38 22.14
CA ILE A 159 -6.98 -20.09 22.30
C ILE A 159 -6.89 -19.68 23.77
N GLN A 160 -7.91 -20.01 24.55
CA GLN A 160 -7.90 -19.67 25.97
C GLN A 160 -6.93 -20.54 26.74
N SER A 161 -6.63 -21.74 26.22
CA SER A 161 -5.70 -22.61 26.91
C SER A 161 -4.29 -22.07 26.76
N LEU A 162 -4.15 -21.02 25.96
CA LEU A 162 -2.86 -20.41 25.72
C LEU A 162 -2.72 -19.04 26.37
N TYR A 163 -3.77 -18.24 26.32
CA TYR A 163 -3.72 -16.89 26.87
C TYR A 163 -4.80 -16.61 27.92
N GLY A 164 -5.58 -17.64 28.26
CA GLY A 164 -6.63 -17.48 29.25
C GLY A 164 -7.84 -16.76 28.70
N PRO A 165 -8.90 -16.59 29.52
CA PRO A 165 -10.13 -15.90 29.10
C PRO A 165 -9.99 -14.38 28.95
N GLY A 166 -11.00 -13.74 28.37
CA GLY A 166 -10.95 -12.29 28.18
C GLY A 166 -12.18 -11.72 27.49
N TYR B 1 9.28 28.52 -20.12
CA TYR B 1 8.42 27.32 -19.90
C TYR B 1 7.74 26.88 -21.19
N ASN B 2 7.12 25.71 -21.12
CA ASN B 2 6.41 25.14 -22.25
C ASN B 2 5.17 24.39 -21.81
N VAL B 3 4.06 24.58 -22.53
CA VAL B 3 2.83 23.89 -22.23
C VAL B 3 2.63 22.83 -23.30
N PHE B 4 1.90 21.76 -22.99
CA PHE B 4 1.65 20.71 -23.97
C PHE B 4 0.82 21.29 -25.10
N PRO B 5 0.89 20.66 -26.29
CA PRO B 5 0.11 21.16 -27.43
C PRO B 5 -1.37 21.24 -27.04
N ARG B 6 -2.11 22.15 -27.66
CA ARG B 6 -3.53 22.29 -27.36
C ARG B 6 -3.73 22.85 -25.95
N THR B 7 -2.62 23.22 -25.32
CA THR B 7 -2.59 23.76 -23.96
C THR B 7 -3.47 22.96 -23.00
N LEU B 8 -3.22 21.66 -22.93
CA LEU B 8 -3.95 20.76 -22.05
C LEU B 8 -3.92 21.25 -20.61
N LYS B 9 -5.10 21.40 -20.01
CA LYS B 9 -5.19 21.85 -18.62
C LYS B 9 -6.45 21.32 -17.99
N TRP B 10 -6.50 21.27 -16.66
CA TRP B 10 -7.69 20.79 -15.97
C TRP B 10 -8.78 21.85 -15.98
N SER B 11 -10.04 21.41 -15.97
CA SER B 11 -11.18 22.31 -15.97
C SER B 11 -11.70 22.61 -14.58
N LYS B 12 -10.88 22.37 -13.57
CA LYS B 12 -11.30 22.61 -12.19
C LYS B 12 -10.07 22.92 -11.33
N MET B 13 -10.27 23.63 -10.23
CA MET B 13 -9.14 23.95 -9.36
C MET B 13 -8.98 22.95 -8.22
N ASN B 14 -9.99 22.11 -8.01
CA ASN B 14 -9.93 21.12 -6.94
C ASN B 14 -9.68 19.73 -7.46
N LEU B 15 -8.43 19.30 -7.39
CA LEU B 15 -8.07 17.98 -7.87
C LEU B 15 -7.84 17.00 -6.73
N THR B 16 -7.91 15.71 -7.05
CA THR B 16 -7.68 14.67 -6.06
C THR B 16 -6.57 13.76 -6.57
N TYR B 17 -5.94 13.07 -5.63
CA TYR B 17 -4.88 12.15 -5.96
C TYR B 17 -4.98 10.96 -5.01
N ARG B 18 -4.32 9.86 -5.36
CA ARG B 18 -4.33 8.67 -4.53
C ARG B 18 -3.03 7.88 -4.70
N ILE B 19 -2.46 7.42 -3.58
CA ILE B 19 -1.22 6.62 -3.64
C ILE B 19 -1.68 5.17 -3.83
N VAL B 20 -1.46 4.63 -5.02
CA VAL B 20 -1.89 3.25 -5.29
C VAL B 20 -0.99 2.20 -4.62
N ASN B 21 0.30 2.45 -4.60
CA ASN B 21 1.25 1.53 -3.97
C ASN B 21 2.47 2.31 -3.50
N TYR B 22 3.35 1.65 -2.75
CA TYR B 22 4.52 2.28 -2.19
C TYR B 22 5.84 1.58 -2.51
N THR B 23 6.94 2.32 -2.44
CA THR B 23 8.25 1.73 -2.68
C THR B 23 8.84 1.23 -1.37
N PRO B 24 9.57 0.11 -1.40
CA PRO B 24 10.14 -0.38 -0.15
C PRO B 24 11.35 0.47 0.25
N ASP B 25 11.83 1.28 -0.68
CA ASP B 25 12.98 2.12 -0.40
C ASP B 25 12.82 3.07 0.76
N MET B 26 11.59 3.46 1.07
CA MET B 26 11.38 4.36 2.17
C MET B 26 10.11 4.12 2.96
N THR B 27 9.96 4.88 4.04
CA THR B 27 8.82 4.78 4.94
C THR B 27 7.54 5.25 4.25
N HIS B 28 6.42 4.59 4.58
CA HIS B 28 5.16 4.99 3.98
C HIS B 28 4.83 6.45 4.33
N SER B 29 5.17 6.88 5.54
CA SER B 29 4.93 8.27 5.94
C SER B 29 5.80 9.20 5.11
N GLU B 30 7.04 8.76 4.83
CA GLU B 30 7.99 9.53 4.04
C GLU B 30 7.48 9.73 2.64
N VAL B 31 6.89 8.66 2.10
CA VAL B 31 6.33 8.68 0.75
C VAL B 31 5.13 9.59 0.69
N GLU B 32 4.28 9.51 1.71
CA GLU B 32 3.08 10.34 1.77
C GLU B 32 3.49 11.79 1.95
N LYS B 33 4.48 12.02 2.79
CA LYS B 33 4.95 13.37 3.04
C LYS B 33 5.55 13.99 1.77
N ALA B 34 6.42 13.24 1.08
CA ALA B 34 7.06 13.73 -0.14
C ALA B 34 6.06 14.17 -1.21
N PHE B 35 5.08 13.32 -1.50
CA PHE B 35 4.04 13.62 -2.49
C PHE B 35 3.20 14.84 -2.10
N LYS B 36 2.80 14.91 -0.83
CA LYS B 36 1.99 16.03 -0.36
C LYS B 36 2.76 17.33 -0.50
N LYS B 37 4.05 17.27 -0.16
CA LYS B 37 4.94 18.42 -0.22
C LYS B 37 5.27 18.77 -1.67
N ALA B 38 5.14 17.81 -2.57
CA ALA B 38 5.40 18.05 -3.98
C ALA B 38 4.21 18.79 -4.61
N PHE B 39 3.01 18.53 -4.10
CA PHE B 39 1.83 19.21 -4.64
C PHE B 39 1.80 20.65 -4.15
N LYS B 40 2.22 20.84 -2.90
CA LYS B 40 2.22 22.15 -2.28
C LYS B 40 3.04 23.19 -3.03
N VAL B 41 4.15 22.78 -3.63
CA VAL B 41 4.94 23.77 -4.35
C VAL B 41 4.11 24.31 -5.50
N TRP B 42 3.17 23.53 -6.00
CA TRP B 42 2.36 24.00 -7.13
C TRP B 42 1.13 24.79 -6.67
N SER B 43 0.54 24.35 -5.58
CA SER B 43 -0.65 24.98 -5.04
C SER B 43 -0.32 26.27 -4.31
N ASP B 44 0.95 26.46 -3.95
CA ASP B 44 1.35 27.66 -3.25
C ASP B 44 1.35 28.92 -4.13
N VAL B 45 1.32 28.75 -5.44
CA VAL B 45 1.33 29.88 -6.35
C VAL B 45 0.19 29.87 -7.37
N THR B 46 -0.86 29.12 -7.06
CA THR B 46 -2.03 29.04 -7.94
C THR B 46 -3.30 28.78 -7.14
N PRO B 47 -4.45 28.89 -7.80
CA PRO B 47 -5.71 28.64 -7.10
C PRO B 47 -6.02 27.15 -7.07
N LEU B 48 -5.00 26.32 -7.25
CA LEU B 48 -5.20 24.86 -7.24
C LEU B 48 -5.20 24.28 -5.81
N ASN B 49 -5.96 23.20 -5.63
CA ASN B 49 -6.06 22.51 -4.34
C ASN B 49 -5.96 21.02 -4.59
N PHE B 50 -5.34 20.29 -3.67
CA PHE B 50 -5.20 18.85 -3.82
C PHE B 50 -5.71 18.13 -2.58
N THR B 51 -6.42 17.02 -2.82
CA THR B 51 -6.98 16.23 -1.74
C THR B 51 -6.66 14.75 -1.96
N ARG B 52 -6.16 14.07 -0.92
CA ARG B 52 -5.81 12.66 -1.00
C ARG B 52 -6.99 11.72 -0.73
N LEU B 53 -7.29 10.87 -1.70
CA LEU B 53 -8.38 9.91 -1.55
C LEU B 53 -7.85 8.56 -1.08
N HIS B 54 -8.58 7.93 -0.17
CA HIS B 54 -8.18 6.63 0.36
C HIS B 54 -8.53 5.52 -0.63
N ASP B 55 -9.67 5.65 -1.29
CA ASP B 55 -10.10 4.66 -2.27
C ASP B 55 -10.66 5.32 -3.52
N GLY B 56 -11.04 4.50 -4.49
CA GLY B 56 -11.62 5.03 -5.71
C GLY B 56 -10.65 5.58 -6.72
N ILE B 57 -11.19 6.20 -7.75
CA ILE B 57 -10.37 6.79 -8.81
C ILE B 57 -10.24 8.29 -8.61
N ALA B 58 -9.02 8.75 -8.38
CA ALA B 58 -8.75 10.18 -8.20
C ALA B 58 -8.33 10.78 -9.52
N ASP B 59 -8.18 12.10 -9.56
CA ASP B 59 -7.78 12.75 -10.80
C ASP B 59 -6.37 12.31 -11.18
N ILE B 60 -5.53 12.18 -10.17
CA ILE B 60 -4.15 11.79 -10.33
C ILE B 60 -3.85 10.54 -9.50
N MET B 61 -3.62 9.44 -10.19
CA MET B 61 -3.30 8.18 -9.52
C MET B 61 -1.79 8.08 -9.51
N ILE B 62 -1.21 7.83 -8.33
CA ILE B 62 0.24 7.72 -8.20
C ILE B 62 0.66 6.29 -7.91
N SER B 63 1.68 5.80 -8.62
CA SER B 63 2.17 4.43 -8.41
C SER B 63 3.64 4.21 -8.77
N PHE B 64 4.18 3.09 -8.28
CA PHE B 64 5.57 2.70 -8.53
C PHE B 64 5.52 1.46 -9.40
N GLY B 65 6.47 1.35 -10.32
CA GLY B 65 6.51 0.18 -11.17
C GLY B 65 7.88 -0.11 -11.69
N ILE B 66 8.04 -1.29 -12.29
CA ILE B 66 9.32 -1.69 -12.88
C ILE B 66 9.05 -2.24 -14.26
N LYS B 67 9.91 -1.88 -15.21
CA LYS B 67 9.78 -2.34 -16.59
C LYS B 67 8.35 -2.14 -17.09
N GLU B 68 7.75 -3.22 -17.56
CA GLU B 68 6.40 -3.15 -18.07
C GLU B 68 5.52 -3.05 -16.83
N HIS B 69 4.66 -2.04 -16.80
CA HIS B 69 3.78 -1.83 -15.66
C HIS B 69 2.33 -1.49 -15.97
N GLY B 70 1.85 -1.83 -17.17
CA GLY B 70 0.45 -1.55 -17.46
C GLY B 70 0.10 -0.49 -18.49
N ASP B 71 1.11 0.12 -19.11
CA ASP B 71 0.84 1.12 -20.14
C ASP B 71 1.83 0.98 -21.31
N PHE B 72 1.77 1.86 -22.29
CA PHE B 72 2.66 1.74 -23.44
C PHE B 72 4.00 2.43 -23.21
N TYR B 73 4.33 2.71 -21.95
CA TYR B 73 5.59 3.39 -21.68
C TYR B 73 6.35 2.70 -20.54
N PRO B 74 6.92 1.52 -20.82
CA PRO B 74 7.67 0.74 -19.82
C PRO B 74 8.99 1.38 -19.41
N PHE B 75 9.38 1.13 -18.16
CA PHE B 75 10.62 1.65 -17.63
C PHE B 75 11.81 0.81 -18.08
N ASP B 76 13.00 1.38 -17.93
CA ASP B 76 14.25 0.74 -18.35
C ASP B 76 15.21 0.34 -17.23
N GLY B 77 14.71 -0.29 -16.17
CA GLY B 77 15.60 -0.69 -15.09
C GLY B 77 16.35 0.49 -14.46
N PRO B 78 17.38 0.23 -13.64
CA PRO B 78 18.16 1.28 -12.98
C PRO B 78 18.63 2.39 -13.90
N SER B 79 18.68 3.61 -13.35
CA SER B 79 19.11 4.80 -14.08
C SER B 79 18.20 5.10 -15.28
N GLY B 80 18.65 5.97 -16.17
CA GLY B 80 17.85 6.32 -17.34
C GLY B 80 16.58 7.06 -16.95
N LEU B 81 15.44 6.50 -17.33
CA LEU B 81 14.13 7.06 -17.00
C LEU B 81 13.85 6.96 -15.50
N LEU B 82 13.56 8.08 -14.85
CA LEU B 82 13.27 8.04 -13.41
C LEU B 82 11.76 7.99 -13.14
N ALA B 83 10.98 8.56 -14.05
CA ALA B 83 9.52 8.58 -13.89
C ALA B 83 8.85 9.22 -15.11
N HIS B 84 7.53 9.12 -15.19
CA HIS B 84 6.81 9.76 -16.28
C HIS B 84 5.37 9.97 -15.85
N ALA B 85 4.76 11.06 -16.31
CA ALA B 85 3.39 11.38 -15.97
C ALA B 85 2.58 11.77 -17.21
N PHE B 86 1.26 11.59 -17.15
CA PHE B 86 0.41 11.96 -18.29
C PHE B 86 -0.15 13.37 -18.07
N PRO B 87 -0.29 14.13 -19.16
CA PRO B 87 -0.83 15.50 -19.06
C PRO B 87 -2.28 15.45 -18.62
N PRO B 88 -2.88 16.60 -18.30
CA PRO B 88 -4.28 16.70 -17.84
C PRO B 88 -5.29 15.98 -18.74
N GLY B 89 -6.30 15.37 -18.15
CA GLY B 89 -7.29 14.68 -18.93
C GLY B 89 -7.92 13.54 -18.16
N PRO B 90 -8.93 12.86 -18.72
CA PRO B 90 -9.60 11.75 -18.05
C PRO B 90 -8.77 10.46 -18.07
N ASN B 91 -9.14 9.51 -17.22
CA ASN B 91 -8.45 8.23 -17.11
C ASN B 91 -6.95 8.41 -16.79
N TYR B 92 -6.05 7.92 -17.63
CA TYR B 92 -4.60 8.05 -17.41
C TYR B 92 -4.14 9.51 -17.22
N GLY B 93 -4.93 10.46 -17.70
CA GLY B 93 -4.57 11.86 -17.59
C GLY B 93 -4.20 12.20 -16.16
N GLY B 94 -3.11 12.96 -15.99
CA GLY B 94 -2.67 13.33 -14.66
C GLY B 94 -1.84 12.31 -13.90
N ASP B 95 -2.02 11.02 -14.21
CA ASP B 95 -1.28 9.95 -13.53
C ASP B 95 0.23 10.07 -13.59
N ALA B 96 0.89 9.69 -12.49
CA ALA B 96 2.34 9.75 -12.43
C ALA B 96 2.91 8.40 -11.97
N HIS B 97 3.88 7.91 -12.74
CA HIS B 97 4.54 6.62 -12.47
C HIS B 97 6.03 6.78 -12.11
N PHE B 98 6.46 6.13 -11.02
CA PHE B 98 7.86 6.18 -10.59
C PHE B 98 8.54 4.82 -10.76
N ASP B 99 9.70 4.81 -11.42
CA ASP B 99 10.46 3.58 -11.66
C ASP B 99 11.03 3.08 -10.33
N ASP B 100 10.54 1.95 -9.85
CA ASP B 100 11.04 1.46 -8.58
C ASP B 100 12.38 0.73 -8.74
N ASP B 101 12.91 0.68 -9.96
CA ASP B 101 14.22 0.07 -10.14
C ASP B 101 15.28 1.08 -9.72
N GLU B 102 14.83 2.25 -9.26
CA GLU B 102 15.73 3.27 -8.79
C GLU B 102 15.63 3.19 -7.26
N THR B 103 16.61 3.75 -6.56
CA THR B 103 16.57 3.76 -5.11
C THR B 103 16.02 5.12 -4.73
N TRP B 104 14.83 5.13 -4.14
CA TRP B 104 14.19 6.38 -3.73
C TRP B 104 14.51 6.68 -2.28
N THR B 105 14.78 7.96 -1.99
CA THR B 105 15.10 8.38 -0.63
C THR B 105 14.49 9.75 -0.35
N SER B 106 14.71 10.26 0.86
CA SER B 106 14.20 11.56 1.23
C SER B 106 15.37 12.49 1.54
N SER B 107 16.54 12.11 1.05
CA SER B 107 17.78 12.87 1.25
C SER B 107 18.58 12.95 -0.06
N SER B 108 19.87 13.25 0.07
CA SER B 108 20.77 13.35 -1.07
C SER B 108 21.15 11.98 -1.62
N LYS B 109 20.79 10.93 -0.88
CA LYS B 109 21.08 9.55 -1.29
C LYS B 109 20.21 9.18 -2.49
N GLY B 110 20.73 8.36 -3.39
CA GLY B 110 19.96 7.96 -4.56
C GLY B 110 19.14 9.08 -5.19
N TYR B 111 17.87 8.82 -5.46
CA TYR B 111 17.04 9.84 -6.07
C TYR B 111 15.96 10.33 -5.13
N ASN B 112 15.95 11.64 -4.90
CA ASN B 112 14.99 12.25 -4.01
C ASN B 112 13.57 12.22 -4.59
N LEU B 113 12.68 11.48 -3.93
CA LEU B 113 11.31 11.31 -4.39
C LEU B 113 10.55 12.63 -4.49
N PHE B 114 10.76 13.48 -3.51
CA PHE B 114 10.11 14.79 -3.48
C PHE B 114 10.41 15.62 -4.72
N LEU B 115 11.69 15.78 -5.03
CA LEU B 115 12.06 16.58 -6.18
C LEU B 115 11.53 16.03 -7.50
N VAL B 116 11.68 14.73 -7.72
CA VAL B 116 11.22 14.13 -8.96
C VAL B 116 9.70 14.23 -9.05
N ALA B 117 9.04 13.96 -7.94
CA ALA B 117 7.58 14.05 -7.89
C ALA B 117 7.10 15.46 -8.26
N ALA B 118 7.74 16.48 -7.69
CA ALA B 118 7.37 17.87 -7.95
C ALA B 118 7.43 18.15 -9.44
N HIS B 119 8.47 17.62 -10.07
CA HIS B 119 8.71 17.75 -11.51
C HIS B 119 7.57 17.03 -12.25
N GLU B 120 7.30 15.78 -11.84
CA GLU B 120 6.26 14.98 -12.46
C GLU B 120 4.91 15.67 -12.37
N PHE B 121 4.53 16.07 -11.16
CA PHE B 121 3.22 16.71 -10.98
C PHE B 121 3.10 17.90 -11.92
N GLY B 122 4.23 18.54 -12.23
CA GLY B 122 4.20 19.65 -13.16
C GLY B 122 3.59 19.16 -14.48
N HIS B 123 4.00 17.98 -14.93
CA HIS B 123 3.45 17.42 -16.16
C HIS B 123 1.97 17.11 -15.98
N SER B 124 1.61 16.61 -14.80
CA SER B 124 0.23 16.27 -14.47
C SER B 124 -0.67 17.50 -14.60
N LEU B 125 -0.10 18.67 -14.30
CA LEU B 125 -0.84 19.93 -14.35
C LEU B 125 -0.89 20.58 -15.73
N GLY B 126 -0.05 20.13 -16.65
CA GLY B 126 -0.08 20.71 -17.98
C GLY B 126 1.20 21.38 -18.41
N LEU B 127 2.26 21.22 -17.63
CA LEU B 127 3.53 21.83 -18.05
C LEU B 127 4.44 20.80 -18.71
N ASP B 128 4.98 21.17 -19.88
CA ASP B 128 5.90 20.31 -20.62
C ASP B 128 7.31 20.69 -20.12
N HIS B 129 8.37 20.15 -20.73
CA HIS B 129 9.73 20.45 -20.31
C HIS B 129 10.18 21.84 -20.67
N SER B 130 11.01 22.44 -19.80
CA SER B 130 11.53 23.77 -20.02
C SER B 130 12.94 23.71 -20.61
N LYS B 131 13.33 24.77 -21.31
CA LYS B 131 14.66 24.84 -21.88
C LYS B 131 15.54 25.69 -20.97
N ASP B 132 14.99 26.02 -19.80
CA ASP B 132 15.71 26.82 -18.80
C ASP B 132 16.37 25.89 -17.79
N PRO B 133 17.71 25.81 -17.81
CA PRO B 133 18.46 24.94 -16.88
C PRO B 133 18.23 25.28 -15.40
N GLY B 134 17.56 26.41 -15.14
CA GLY B 134 17.30 26.81 -13.78
C GLY B 134 15.86 26.53 -13.34
N ALA B 135 15.08 25.94 -14.23
CA ALA B 135 13.68 25.63 -13.94
C ALA B 135 13.49 24.21 -13.44
N LEU B 136 12.43 23.99 -12.65
CA LEU B 136 12.13 22.66 -12.12
C LEU B 136 11.74 21.70 -13.25
N MET B 137 11.14 22.25 -14.31
CA MET B 137 10.71 21.44 -15.44
C MET B 137 11.81 21.12 -16.45
N PHE B 138 13.06 21.37 -16.08
CA PHE B 138 14.21 21.07 -16.94
C PHE B 138 14.44 19.55 -16.88
N PRO B 139 14.50 18.88 -18.04
CA PRO B 139 14.70 17.42 -18.19
C PRO B 139 15.96 16.72 -17.67
N ILE B 140 16.53 17.21 -16.57
CA ILE B 140 17.71 16.55 -15.99
C ILE B 140 17.62 16.63 -14.47
N TYR B 141 17.98 15.54 -13.81
CA TYR B 141 17.93 15.47 -12.35
C TYR B 141 19.10 16.12 -11.61
N THR B 142 18.81 16.80 -10.51
CA THR B 142 19.81 17.41 -9.64
C THR B 142 19.19 17.47 -8.25
N TYR B 143 20.01 17.35 -7.22
CA TYR B 143 19.51 17.39 -5.86
C TYR B 143 19.78 18.72 -5.18
N THR B 144 19.02 19.01 -4.11
CA THR B 144 19.21 20.23 -3.35
C THR B 144 18.78 20.01 -1.92
N GLY B 145 19.62 20.41 -0.97
CA GLY B 145 19.27 20.27 0.42
C GLY B 145 18.51 21.52 0.82
N LYS B 146 18.16 22.31 -0.20
CA LYS B 146 17.44 23.57 -0.03
C LYS B 146 16.29 23.45 0.95
N SER B 147 16.44 24.14 2.09
CA SER B 147 15.43 24.14 3.13
C SER B 147 14.27 24.99 2.61
N HIS B 148 13.07 24.39 2.57
CA HIS B 148 11.89 25.08 2.09
C HIS B 148 12.10 25.44 0.60
N PHE B 149 11.99 24.41 -0.23
CA PHE B 149 12.17 24.55 -1.68
C PHE B 149 11.00 25.28 -2.33
N MET B 150 11.31 26.33 -3.07
CA MET B 150 10.29 27.11 -3.76
C MET B 150 10.42 26.92 -5.27
N LEU B 151 9.33 27.12 -6.00
CA LEU B 151 9.33 26.97 -7.44
C LEU B 151 10.06 28.08 -8.17
N PRO B 152 11.03 27.72 -9.05
CA PRO B 152 11.77 28.74 -9.80
C PRO B 152 10.81 29.65 -10.58
N ASP B 153 11.29 30.84 -10.95
CA ASP B 153 10.50 31.82 -11.69
C ASP B 153 9.82 31.28 -12.95
N ASP B 154 10.56 30.51 -13.75
CA ASP B 154 10.04 29.96 -14.99
C ASP B 154 8.83 29.07 -14.79
N ASP B 155 8.90 28.22 -13.79
CA ASP B 155 7.81 27.30 -13.50
C ASP B 155 6.62 28.04 -12.90
N VAL B 156 6.90 29.08 -12.12
CA VAL B 156 5.82 29.86 -11.53
C VAL B 156 5.01 30.49 -12.66
N GLN B 157 5.71 31.18 -13.56
CA GLN B 157 5.06 31.83 -14.69
C GLN B 157 4.35 30.83 -15.60
N GLY B 158 4.94 29.66 -15.80
CA GLY B 158 4.32 28.66 -16.64
C GLY B 158 3.02 28.15 -16.06
N ILE B 159 2.99 27.86 -14.77
CA ILE B 159 1.79 27.32 -14.14
C ILE B 159 0.70 28.37 -13.96
N GLN B 160 1.10 29.62 -13.72
CA GLN B 160 0.11 30.68 -13.55
C GLN B 160 -0.52 31.10 -14.86
N SER B 161 0.24 30.95 -15.95
CA SER B 161 -0.27 31.30 -17.27
C SER B 161 -1.29 30.27 -17.68
N LEU B 162 -1.47 29.27 -16.83
CA LEU B 162 -2.39 28.20 -17.10
C LEU B 162 -3.61 28.23 -16.18
N TYR B 163 -3.38 28.39 -14.89
CA TYR B 163 -4.49 28.41 -13.93
C TYR B 163 -4.64 29.76 -13.20
N GLY B 164 -4.02 30.80 -13.75
CA GLY B 164 -4.12 32.11 -13.13
C GLY B 164 -3.18 32.26 -11.96
N PRO B 165 -2.65 33.48 -11.74
CA PRO B 165 -1.72 33.74 -10.64
C PRO B 165 -2.36 33.63 -9.25
N GLY B 166 -1.61 34.04 -8.23
CA GLY B 166 -2.10 34.00 -6.86
C GLY B 166 -2.18 32.61 -6.25
ZN ZN C . -4.06 -23.40 8.25
ZN ZN D . 5.11 -16.81 2.72
CA CA E . -2.86 -20.92 -4.43
CA CA F . 6.63 -11.26 12.91
CA CA G . -5.76 -11.78 -6.22
ZN ZN H . -5.45 2.86 4.61
ZN ZN I . -0.60 5.68 5.08
C1 FA4 J . -15.46 -20.20 8.57
C2 FA4 J . -14.44 -20.37 7.59
C3 FA4 J . -13.59 -21.53 7.59
C4 FA4 J . -13.79 -22.54 8.62
C5 FA4 J . -14.84 -22.34 9.60
C6 FA4 J . -15.65 -21.18 9.56
C7 FA4 J . -12.53 -21.59 6.50
C8 FA4 J . -11.21 -20.94 6.97
C9 FA4 J . -10.01 -21.13 6.04
C10 FA4 J . -9.58 -22.58 5.83
C11 FA4 J . -8.14 -22.79 5.32
C12 FA4 J . -8.07 -24.14 4.60
C13 FA4 J . -6.69 -24.48 4.06
C14 FA4 J . -6.57 -24.18 2.56
C15 FA4 J . -5.21 -24.51 1.98
C16 FA4 J . -4.06 -23.79 2.65
N17 FA4 J . -3.35 -24.59 3.54
C18 FA4 J . -2.17 -24.15 4.33
O19 FA4 J . -3.77 -22.61 2.44
C20 FA4 J . -1.26 -25.38 4.51
C21 FA4 J . -2.68 -23.64 5.70
N22 FA4 J . -3.44 -22.54 5.67
C23 FA4 J . 0.22 -25.03 4.81
C24 FA4 J . 0.75 -25.26 6.25
C25 FA4 J . 2.23 -25.69 6.30
N26 FA4 J . 3.07 -24.62 6.90
C27 FA4 J . -12.97 -23.82 8.72
N28 FA4 J . -13.85 -25.02 9.09
C29 FA4 J . -14.28 -25.91 8.05
N30 FA4 J . -14.17 -25.53 6.70
N31 FA4 J . -14.78 -27.06 8.34
O32 FA4 J . -3.90 -22.03 6.90
O33 FA4 J . -2.42 -24.20 6.77
ZN ZN K . 9.84 15.29 -17.28
ZN ZN L . 3.77 4.24 -16.92
CA CA M . 15.03 3.76 -15.14
CA CA N . -5.95 10.21 -13.81
CA CA O . 13.32 0.74 -5.53
C1 FA4 P . 15.09 20.70 -8.26
C2 FA4 P . 15.01 19.41 -8.85
C3 FA4 P . 15.15 19.22 -10.26
C4 FA4 P . 15.37 20.41 -11.10
C5 FA4 P . 15.43 21.71 -10.47
C6 FA4 P . 15.29 21.84 -9.06
C7 FA4 P . 15.04 17.78 -10.78
C8 FA4 P . 13.61 17.47 -11.29
C9 FA4 P . 13.33 16.02 -11.71
C10 FA4 P . 14.33 15.38 -12.68
C11 FA4 P . 13.79 14.92 -14.03
C12 FA4 P . 14.92 14.17 -14.74
C13 FA4 P . 14.52 13.64 -16.11
C14 FA4 P . 14.90 12.16 -16.22
C15 FA4 P . 14.52 11.55 -17.56
C16 FA4 P . 13.09 11.10 -17.60
N17 FA4 P . 12.33 11.71 -18.61
C18 FA4 P . 10.89 11.44 -18.86
O19 FA4 P . 12.63 10.27 -16.84
C20 FA4 P . 10.65 11.42 -20.41
C21 FA4 P . 10.05 12.56 -18.17
N22 FA4 P . 10.16 12.65 -16.83
C23 FA4 P . 9.32 10.75 -20.87
C24 FA4 P . 8.25 11.63 -21.54
C25 FA4 P . 7.31 10.87 -22.51
N26 FA4 P . 6.01 10.57 -21.86
C27 FA4 P . 15.53 20.33 -12.63
N28 FA4 P . 16.51 21.41 -13.18
C29 FA4 P . 17.82 21.01 -13.56
N30 FA4 P . 18.30 19.75 -13.18
N31 FA4 P . 18.58 21.78 -14.24
O32 FA4 P . 9.39 13.64 -16.19
O33 FA4 P . 9.30 13.33 -18.78
#